data_1HZO
#
_entry.id   1HZO
#
_cell.length_a   58.65
_cell.length_b   66.15
_cell.length_c   134.394
_cell.angle_alpha   90.00
_cell.angle_beta   90.00
_cell.angle_gamma   90.00
#
_symmetry.space_group_name_H-M   'P 21 21 21'
#
loop_
_entity.id
_entity.type
_entity.pdbx_description
1 polymer BETA-LACTAMASE
2 non-polymer '2-(N-MORPHOLINO)-ETHANESULFONIC ACID'
3 water water
#
_entity_poly.entity_id   1
_entity_poly.type   'polypeptide(L)'
_entity_poly.pdbx_seq_one_letter_code
;DNNNTIEEQLNTLEKYSQGRLGVALINTEDNSQITYRGEERFAMASTSKVMAVAAVLKASEKQAGLLDKNITIKKSDLVA
YSPITEKHLTTGMTLAELSAATLQYSDNTAMNKILDYLGGPAKVTQFARSINDVTYRLDRKEPELNTAIHGDPRDTTSPI
AMAKSLQALTLGDALGQSQRQQLVTWLKGNTTGDNSIKAGLPKHWVVGDKTGSGDYGTTNDIAVIWPENHAPLILVVYFT
QQEQNAKYRKDIIAKAAEIVTKEISNSPQTK
;
_entity_poly.pdbx_strand_id   A,B
#
# COMPACT_ATOMS: atom_id res chain seq x y z
N ASN A 4 -26.74 -21.96 11.47
CA ASN A 4 -27.80 -22.64 10.67
C ASN A 4 -27.47 -24.11 10.41
N THR A 5 -28.20 -24.73 9.47
CA THR A 5 -27.97 -26.12 9.14
C THR A 5 -26.66 -26.31 8.39
N ILE A 6 -26.40 -25.45 7.42
CA ILE A 6 -25.16 -25.52 6.65
C ILE A 6 -23.99 -25.39 7.61
N GLU A 7 -24.13 -24.47 8.56
CA GLU A 7 -23.10 -24.22 9.58
C GLU A 7 -22.78 -25.50 10.34
N GLU A 8 -23.83 -26.15 10.84
CA GLU A 8 -23.65 -27.38 11.59
C GLU A 8 -23.11 -28.49 10.71
N GLN A 9 -23.53 -28.53 9.45
CA GLN A 9 -23.07 -29.56 8.53
C GLN A 9 -21.57 -29.42 8.26
N LEU A 10 -21.10 -28.19 8.12
CA LEU A 10 -19.68 -27.96 7.87
C LEU A 10 -18.86 -28.27 9.12
N ASN A 11 -19.42 -27.98 10.30
CA ASN A 11 -18.71 -28.28 11.54
C ASN A 11 -18.58 -29.80 11.64
N THR A 12 -19.66 -30.50 11.29
CA THR A 12 -19.70 -31.95 11.32
C THR A 12 -18.71 -32.55 10.32
N LEU A 13 -18.64 -31.95 9.13
CA LEU A 13 -17.72 -32.41 8.10
C LEU A 13 -16.30 -32.26 8.61
N GLU A 14 -16.02 -31.14 9.26
CA GLU A 14 -14.67 -30.90 9.79
C GLU A 14 -14.30 -31.95 10.84
N LYS A 15 -15.24 -32.28 11.72
CA LYS A 15 -14.99 -33.28 12.76
C LYS A 15 -14.64 -34.60 12.07
N TYR A 16 -15.42 -34.95 11.06
CA TYR A 16 -15.20 -36.17 10.31
C TYR A 16 -13.82 -36.18 9.63
N SER A 17 -13.41 -35.02 9.12
CA SER A 17 -12.14 -34.89 8.41
C SER A 17 -10.90 -35.01 9.29
N GLN A 18 -11.07 -34.69 10.56
CA GLN A 18 -9.99 -34.72 11.55
C GLN A 18 -8.92 -33.66 11.29
N GLY A 19 -9.25 -32.71 10.42
CA GLY A 19 -8.32 -31.63 10.10
C GLY A 19 -8.98 -30.27 10.33
N ARG A 20 -8.51 -29.25 9.60
CA ARG A 20 -9.04 -27.90 9.72
C ARG A 20 -9.62 -27.49 8.36
N LEU A 21 -10.90 -27.16 8.37
CA LEU A 21 -11.64 -26.79 7.16
C LEU A 21 -12.03 -25.31 7.07
N GLY A 22 -11.84 -24.72 5.89
CA GLY A 22 -12.20 -23.33 5.67
C GLY A 22 -13.06 -23.22 4.43
N VAL A 23 -14.18 -22.51 4.53
CA VAL A 23 -15.10 -22.37 3.40
C VAL A 23 -15.65 -20.96 3.25
N ALA A 24 -15.82 -20.54 1.99
CA ALA A 24 -16.41 -19.24 1.71
C ALA A 24 -17.17 -19.34 0.39
N LEU A 25 -18.48 -19.15 0.46
CA LEU A 25 -19.32 -19.18 -0.72
C LEU A 25 -20.01 -17.85 -0.89
N ILE A 26 -19.81 -17.22 -2.05
CA ILE A 26 -20.46 -15.96 -2.35
C ILE A 26 -21.51 -16.27 -3.41
N ASN A 27 -22.76 -15.93 -3.13
CA ASN A 27 -23.87 -16.17 -4.05
C ASN A 27 -24.25 -14.82 -4.69
N THR A 28 -23.94 -14.63 -5.97
CA THR A 28 -24.23 -13.36 -6.60
C THR A 28 -25.70 -13.09 -6.91
N GLU A 29 -26.55 -14.09 -6.68
CA GLU A 29 -27.97 -13.89 -6.94
C GLU A 29 -28.53 -12.87 -5.95
N ASP A 30 -28.12 -13.01 -4.68
CA ASP A 30 -28.57 -12.12 -3.63
C ASP A 30 -27.42 -11.50 -2.84
N ASN A 31 -26.22 -11.56 -3.42
CA ASN A 31 -25.02 -11.01 -2.79
C ASN A 31 -24.93 -11.43 -1.33
N SER A 32 -24.93 -12.75 -1.11
CA SER A 32 -24.86 -13.30 0.23
C SER A 32 -23.60 -14.15 0.34
N GLN A 33 -23.19 -14.45 1.56
CA GLN A 33 -22.02 -15.28 1.74
C GLN A 33 -22.24 -16.28 2.88
N ILE A 34 -21.73 -17.48 2.68
CA ILE A 34 -21.79 -18.55 3.65
C ILE A 34 -20.34 -18.88 3.94
N THR A 35 -19.92 -18.78 5.19
CA THR A 35 -18.53 -19.05 5.53
C THR A 35 -18.36 -19.97 6.74
N TYR A 36 -17.19 -20.61 6.80
CA TYR A 36 -16.81 -21.48 7.90
C TYR A 36 -15.31 -21.22 8.02
N ARG A 37 -14.88 -20.68 9.17
CA ARG A 37 -13.48 -20.33 9.38
C ARG A 37 -13.08 -19.45 8.19
N GLY A 38 -14.04 -18.63 7.75
CA GLY A 38 -13.83 -17.76 6.61
C GLY A 38 -12.70 -16.75 6.69
N GLU A 39 -12.34 -16.34 7.91
CA GLU A 39 -11.27 -15.36 8.08
C GLU A 39 -9.95 -15.97 8.54
N GLU A 40 -9.89 -17.29 8.67
CA GLU A 40 -8.65 -17.93 9.10
C GLU A 40 -7.67 -18.10 7.96
N ARG A 41 -6.37 -18.04 8.26
CA ARG A 41 -5.34 -18.21 7.24
C ARG A 41 -5.05 -19.68 6.98
N PHE A 42 -4.92 -20.02 5.70
CA PHE A 42 -4.59 -21.37 5.26
C PHE A 42 -3.51 -21.24 4.20
N ALA A 43 -2.62 -22.22 4.12
CA ALA A 43 -1.58 -22.19 3.09
C ALA A 43 -2.34 -22.32 1.77
N MET A 44 -2.04 -21.45 0.81
CA MET A 44 -2.73 -21.48 -0.48
C MET A 44 -2.28 -22.57 -1.43
N ALA A 45 -1.02 -22.98 -1.34
CA ALA A 45 -0.48 -23.98 -2.24
C ALA A 45 -0.69 -23.40 -3.65
N SER A 46 -0.98 -24.24 -4.64
CA SER A 46 -1.18 -23.74 -5.99
C SER A 46 -2.35 -22.80 -6.24
N THR A 47 -3.28 -22.63 -5.28
CA THR A 47 -4.38 -21.70 -5.53
C THR A 47 -3.82 -20.29 -5.61
N SER A 48 -2.58 -20.11 -5.13
CA SER A 48 -1.92 -18.81 -5.15
C SER A 48 -1.64 -18.36 -6.59
N LYS A 49 -1.63 -19.30 -7.52
CA LYS A 49 -1.34 -19.00 -8.92
C LYS A 49 -2.34 -18.05 -9.59
N VAL A 50 -3.60 -18.06 -9.14
CA VAL A 50 -4.60 -17.20 -9.76
C VAL A 50 -4.25 -15.71 -9.63
N MET A 51 -3.82 -15.30 -8.43
CA MET A 51 -3.46 -13.91 -8.20
C MET A 51 -2.25 -13.51 -9.04
N ALA A 52 -1.30 -14.42 -9.19
CA ALA A 52 -0.10 -14.14 -9.98
C ALA A 52 -0.47 -13.91 -11.44
N VAL A 53 -1.31 -14.78 -11.99
CA VAL A 53 -1.74 -14.65 -13.38
C VAL A 53 -2.54 -13.36 -13.56
N ALA A 54 -3.35 -13.02 -12.57
CA ALA A 54 -4.16 -11.80 -12.62
C ALA A 54 -3.26 -10.56 -12.70
N ALA A 55 -2.12 -10.61 -12.02
CA ALA A 55 -1.18 -9.49 -12.03
C ALA A 55 -0.62 -9.31 -13.45
N VAL A 56 -0.38 -10.43 -14.13
CA VAL A 56 0.12 -10.38 -15.50
C VAL A 56 -0.96 -9.79 -16.40
N LEU A 57 -2.19 -10.28 -16.24
CA LEU A 57 -3.32 -9.79 -17.02
C LEU A 57 -3.48 -8.28 -16.85
N LYS A 58 -3.38 -7.82 -15.60
CA LYS A 58 -3.50 -6.39 -15.32
C LYS A 58 -2.42 -5.61 -16.07
N ALA A 59 -1.19 -6.14 -16.05
CA ALA A 59 -0.08 -5.49 -16.73
C ALA A 59 -0.30 -5.42 -18.24
N SER A 60 -0.98 -6.43 -18.79
CA SER A 60 -1.25 -6.45 -20.22
C SER A 60 -2.24 -5.38 -20.65
N GLU A 61 -2.97 -4.83 -19.69
CA GLU A 61 -3.95 -3.78 -19.98
C GLU A 61 -3.33 -2.50 -20.52
N LYS A 62 -2.14 -2.16 -20.03
CA LYS A 62 -1.46 -0.95 -20.47
C LYS A 62 -0.30 -1.21 -21.42
N GLN A 63 -0.04 -2.49 -21.70
CA GLN A 63 1.04 -2.85 -22.61
C GLN A 63 0.56 -3.85 -23.65
N ALA A 64 0.16 -3.33 -24.80
CA ALA A 64 -0.34 -4.16 -25.90
C ALA A 64 0.61 -5.30 -26.26
N GLY A 65 0.03 -6.47 -26.52
CA GLY A 65 0.81 -7.63 -26.91
C GLY A 65 1.65 -8.28 -25.83
N LEU A 66 1.52 -7.81 -24.59
CA LEU A 66 2.30 -8.38 -23.49
C LEU A 66 2.10 -9.89 -23.35
N LEU A 67 0.87 -10.36 -23.49
CA LEU A 67 0.59 -11.79 -23.35
C LEU A 67 1.33 -12.62 -24.39
N ASP A 68 1.67 -11.99 -25.52
CA ASP A 68 2.37 -12.70 -26.59
C ASP A 68 3.89 -12.59 -26.47
N LYS A 69 4.36 -11.94 -25.41
CA LYS A 69 5.79 -11.79 -25.20
C LYS A 69 6.39 -13.16 -24.88
N ASN A 70 7.36 -13.60 -25.68
CA ASN A 70 7.98 -14.89 -25.46
C ASN A 70 9.00 -14.81 -24.35
N ILE A 71 8.98 -15.80 -23.45
CA ILE A 71 9.91 -15.87 -22.34
C ILE A 71 10.74 -17.14 -22.49
N THR A 72 12.07 -17.00 -22.40
CA THR A 72 12.93 -18.16 -22.52
C THR A 72 12.86 -19.02 -21.26
N ILE A 73 12.91 -20.33 -21.45
CA ILE A 73 12.87 -21.28 -20.34
C ILE A 73 14.19 -22.04 -20.31
N LYS A 74 14.97 -21.81 -19.26
CA LYS A 74 16.26 -22.47 -19.10
C LYS A 74 16.08 -23.75 -18.31
N LYS A 75 16.97 -24.71 -18.53
CA LYS A 75 16.88 -25.98 -17.83
C LYS A 75 16.99 -25.77 -16.32
N SER A 76 17.73 -24.74 -15.91
CA SER A 76 17.90 -24.45 -14.49
C SER A 76 16.62 -23.88 -13.88
N ASP A 77 15.67 -23.49 -14.73
CA ASP A 77 14.39 -22.96 -14.27
C ASP A 77 13.46 -24.09 -13.83
N LEU A 78 13.63 -25.27 -14.42
CA LEU A 78 12.76 -26.40 -14.12
C LEU A 78 12.73 -26.90 -12.69
N VAL A 79 11.53 -26.89 -12.12
CA VAL A 79 11.30 -27.37 -10.76
C VAL A 79 10.36 -28.56 -10.84
N ALA A 80 10.11 -29.19 -9.69
CA ALA A 80 9.23 -30.36 -9.64
C ALA A 80 7.87 -30.05 -10.24
N TYR A 81 7.39 -31.00 -11.04
CA TYR A 81 6.12 -30.93 -11.74
C TYR A 81 5.96 -29.72 -12.66
N SER A 82 6.53 -29.85 -13.85
CA SER A 82 6.47 -28.81 -14.87
C SER A 82 6.18 -29.51 -16.19
N PRO A 83 5.03 -30.20 -16.27
CA PRO A 83 4.60 -30.94 -17.46
C PRO A 83 4.65 -30.18 -18.79
N ILE A 84 4.32 -28.89 -18.76
CA ILE A 84 4.32 -28.13 -19.99
C ILE A 84 5.64 -27.42 -20.26
N THR A 85 6.14 -26.68 -19.27
CA THR A 85 7.38 -25.94 -19.44
C THR A 85 8.60 -26.77 -19.81
N GLU A 86 8.71 -27.99 -19.29
CA GLU A 86 9.85 -28.83 -19.61
C GLU A 86 9.93 -29.20 -21.09
N LYS A 87 8.82 -28.99 -21.81
CA LYS A 87 8.78 -29.30 -23.24
C LYS A 87 9.06 -28.08 -24.10
N HIS A 88 9.38 -26.95 -23.47
CA HIS A 88 9.64 -25.73 -24.24
C HIS A 88 10.97 -25.05 -23.96
N LEU A 89 12.01 -25.83 -23.72
CA LEU A 89 13.33 -25.28 -23.45
C LEU A 89 13.90 -24.58 -24.69
N THR A 90 13.55 -25.08 -25.87
CA THR A 90 14.05 -24.51 -27.11
C THR A 90 13.17 -23.39 -27.67
N THR A 91 11.86 -23.57 -27.59
CA THR A 91 10.92 -22.60 -28.12
C THR A 91 10.56 -21.50 -27.13
N GLY A 92 10.60 -21.81 -25.85
CA GLY A 92 10.21 -20.83 -24.85
C GLY A 92 8.69 -20.78 -24.82
N MET A 93 8.13 -19.92 -23.97
CA MET A 93 6.67 -19.80 -23.88
C MET A 93 6.25 -18.36 -23.65
N THR A 94 5.12 -17.97 -24.21
CA THR A 94 4.63 -16.61 -24.05
C THR A 94 3.99 -16.51 -22.66
N LEU A 95 3.80 -15.28 -22.18
CA LEU A 95 3.18 -15.10 -20.87
C LEU A 95 1.77 -15.70 -20.86
N ALA A 96 1.12 -15.71 -22.00
CA ALA A 96 -0.22 -16.27 -22.11
C ALA A 96 -0.14 -17.79 -21.95
N GLU A 97 0.86 -18.40 -22.60
CA GLU A 97 1.03 -19.85 -22.53
C GLU A 97 1.47 -20.28 -21.12
N LEU A 98 2.27 -19.43 -20.48
CA LEU A 98 2.75 -19.72 -19.13
C LEU A 98 1.58 -19.66 -18.16
N SER A 99 0.73 -18.66 -18.35
CA SER A 99 -0.44 -18.49 -17.49
C SER A 99 -1.40 -19.67 -17.65
N ALA A 100 -1.65 -20.05 -18.90
CA ALA A 100 -2.54 -21.18 -19.18
C ALA A 100 -1.99 -22.45 -18.56
N ALA A 101 -0.68 -22.66 -18.72
CA ALA A 101 -0.05 -23.87 -18.17
C ALA A 101 -0.07 -23.91 -16.65
N THR A 102 0.20 -22.79 -16.00
CA THR A 102 0.23 -22.79 -14.54
C THR A 102 -1.17 -22.97 -13.95
N LEU A 103 -2.19 -22.43 -14.64
CA LEU A 103 -3.55 -22.55 -14.15
C LEU A 103 -4.22 -23.89 -14.49
N GLN A 104 -4.09 -24.33 -15.73
CA GLN A 104 -4.76 -25.56 -16.15
C GLN A 104 -4.03 -26.86 -15.82
N TYR A 105 -2.72 -26.81 -15.63
CA TYR A 105 -1.94 -28.00 -15.28
C TYR A 105 -1.23 -27.83 -13.95
N SER A 106 -1.24 -26.61 -13.43
CA SER A 106 -0.57 -26.28 -12.17
C SER A 106 0.93 -26.46 -12.34
N ASP A 107 1.41 -26.12 -13.54
CA ASP A 107 2.83 -26.21 -13.87
C ASP A 107 3.58 -25.25 -12.95
N ASN A 108 4.47 -25.79 -12.13
CA ASN A 108 5.21 -24.97 -11.18
C ASN A 108 6.29 -24.06 -11.75
N THR A 109 7.00 -24.51 -12.77
CA THR A 109 8.02 -23.66 -13.36
C THR A 109 7.33 -22.46 -14.02
N ALA A 110 6.15 -22.69 -14.57
CA ALA A 110 5.41 -21.61 -15.21
C ALA A 110 5.12 -20.50 -14.20
N MET A 111 4.75 -20.90 -12.98
CA MET A 111 4.46 -19.92 -11.93
C MET A 111 5.74 -19.13 -11.63
N ASN A 112 6.84 -19.84 -11.44
CA ASN A 112 8.11 -19.18 -11.14
C ASN A 112 8.55 -18.22 -12.24
N LYS A 113 8.31 -18.56 -13.49
CA LYS A 113 8.70 -17.69 -14.60
C LYS A 113 7.83 -16.43 -14.55
N ILE A 114 6.56 -16.61 -14.21
CA ILE A 114 5.64 -15.48 -14.10
C ILE A 114 6.09 -14.58 -12.95
N LEU A 115 6.49 -15.20 -11.84
CA LEU A 115 6.96 -14.42 -10.70
C LEU A 115 8.21 -13.64 -11.10
N ASP A 116 9.10 -14.29 -11.83
CA ASP A 116 10.33 -13.64 -12.29
C ASP A 116 9.99 -12.41 -13.11
N TYR A 117 9.06 -12.56 -14.06
CA TYR A 117 8.65 -11.46 -14.91
C TYR A 117 8.09 -10.29 -14.11
N LEU A 118 7.20 -10.59 -13.16
CA LEU A 118 6.56 -9.56 -12.35
C LEU A 118 7.50 -8.83 -11.41
N GLY A 119 8.58 -9.49 -11.00
CA GLY A 119 9.52 -8.87 -10.10
C GLY A 119 9.60 -9.55 -8.74
N GLY A 120 9.00 -10.74 -8.64
CA GLY A 120 9.03 -11.49 -7.39
C GLY A 120 7.70 -11.65 -6.69
N PRO A 121 7.64 -12.55 -5.69
CA PRO A 121 6.43 -12.83 -4.91
C PRO A 121 5.81 -11.57 -4.31
N ALA A 122 6.66 -10.68 -3.82
CA ALA A 122 6.19 -9.44 -3.21
C ALA A 122 5.33 -8.62 -4.17
N LYS A 123 5.62 -8.72 -5.46
CA LYS A 123 4.86 -7.99 -6.46
C LYS A 123 3.43 -8.52 -6.59
N VAL A 124 3.27 -9.80 -6.32
CA VAL A 124 1.93 -10.39 -6.39
C VAL A 124 1.14 -9.91 -5.17
N THR A 125 1.80 -9.81 -4.03
CA THR A 125 1.13 -9.34 -2.82
C THR A 125 0.68 -7.90 -3.08
N GLN A 126 1.52 -7.14 -3.77
CA GLN A 126 1.21 -5.75 -4.09
C GLN A 126 -0.02 -5.69 -4.99
N PHE A 127 -0.12 -6.60 -5.96
CA PHE A 127 -1.29 -6.60 -6.83
C PHE A 127 -2.54 -6.89 -6.02
N ALA A 128 -2.44 -7.84 -5.11
CA ALA A 128 -3.58 -8.21 -4.27
C ALA A 128 -4.07 -6.97 -3.52
N ARG A 129 -3.13 -6.21 -2.97
CA ARG A 129 -3.50 -5.00 -2.24
C ARG A 129 -4.15 -4.00 -3.19
N SER A 130 -3.76 -4.01 -4.46
CA SER A 130 -4.33 -3.07 -5.43
C SER A 130 -5.79 -3.36 -5.74
N ILE A 131 -6.26 -4.56 -5.41
CA ILE A 131 -7.66 -4.91 -5.63
C ILE A 131 -8.36 -5.07 -4.28
N ASN A 132 -7.81 -4.39 -3.29
CA ASN A 132 -8.34 -4.37 -1.92
C ASN A 132 -8.39 -5.71 -1.18
N ASP A 133 -7.41 -6.57 -1.46
CA ASP A 133 -7.30 -7.85 -0.77
C ASP A 133 -6.16 -7.58 0.20
N VAL A 134 -6.48 -7.43 1.48
CA VAL A 134 -5.45 -7.13 2.47
C VAL A 134 -4.99 -8.36 3.24
N THR A 135 -5.43 -9.54 2.80
CA THR A 135 -5.07 -10.78 3.46
C THR A 135 -4.05 -11.62 2.69
N TYR A 136 -4.20 -11.67 1.37
CA TYR A 136 -3.30 -12.45 0.52
C TYR A 136 -1.84 -12.05 0.69
N ARG A 137 -0.97 -13.05 0.84
CA ARG A 137 0.45 -12.78 0.94
C ARG A 137 1.25 -13.91 0.32
N LEU A 138 2.07 -13.57 -0.68
CA LEU A 138 2.93 -14.55 -1.33
C LEU A 138 4.35 -14.18 -0.92
N ASP A 139 5.02 -15.12 -0.26
CA ASP A 139 6.36 -14.88 0.25
C ASP A 139 7.46 -15.67 -0.44
N ARG A 140 7.09 -16.80 -1.01
CA ARG A 140 8.08 -17.66 -1.66
C ARG A 140 7.61 -18.15 -3.03
N LYS A 141 8.52 -18.78 -3.75
CA LYS A 141 8.20 -19.34 -5.07
C LYS A 141 8.01 -20.84 -4.90
N GLU A 142 7.87 -21.55 -6.02
CA GLU A 142 7.70 -23.00 -6.00
C GLU A 142 9.10 -23.61 -5.87
N PRO A 143 9.25 -24.71 -5.10
CA PRO A 143 8.24 -25.44 -4.33
C PRO A 143 8.08 -25.03 -2.86
N GLU A 144 8.94 -24.13 -2.40
CA GLU A 144 8.93 -23.69 -1.00
C GLU A 144 7.60 -23.19 -0.44
N LEU A 145 6.80 -22.52 -1.27
CA LEU A 145 5.53 -21.99 -0.80
C LEU A 145 4.52 -23.05 -0.32
N ASN A 146 4.83 -24.33 -0.52
CA ASN A 146 3.93 -25.40 -0.12
C ASN A 146 4.14 -26.01 1.27
N THR A 147 5.09 -25.49 2.04
CA THR A 147 5.36 -26.06 3.37
C THR A 147 4.17 -26.13 4.33
N ALA A 148 3.26 -25.17 4.25
CA ALA A 148 2.03 -25.16 5.06
C ALA A 148 2.19 -25.48 6.55
N ILE A 149 3.25 -24.95 7.15
CA ILE A 149 3.51 -25.17 8.57
C ILE A 149 2.50 -24.42 9.43
N HIS A 150 1.96 -25.10 10.44
CA HIS A 150 0.97 -24.48 11.32
C HIS A 150 1.57 -23.33 12.11
N GLY A 151 0.93 -22.17 12.05
CA GLY A 151 1.43 -21.01 12.78
C GLY A 151 2.49 -20.26 12.01
N ASP A 152 2.63 -20.61 10.72
CA ASP A 152 3.58 -19.99 9.79
C ASP A 152 2.65 -19.20 8.86
N PRO A 153 2.82 -17.87 8.80
CA PRO A 153 1.97 -17.00 7.95
C PRO A 153 2.31 -16.94 6.47
N ARG A 154 3.45 -17.48 6.07
CA ARG A 154 3.87 -17.40 4.69
C ARG A 154 2.98 -18.09 3.65
N ASP A 155 2.72 -17.37 2.56
CA ASP A 155 1.94 -17.90 1.44
C ASP A 155 0.56 -18.38 1.83
N THR A 156 -0.13 -17.56 2.62
CA THR A 156 -1.46 -17.88 3.10
C THR A 156 -2.46 -16.79 2.75
N THR A 157 -3.73 -17.12 2.90
CA THR A 157 -4.82 -16.19 2.71
C THR A 157 -6.02 -16.83 3.37
N SER A 158 -7.14 -16.12 3.39
CA SER A 158 -8.34 -16.66 4.01
C SER A 158 -9.37 -17.02 2.94
N PRO A 159 -10.30 -17.91 3.28
CA PRO A 159 -11.34 -18.30 2.32
C PRO A 159 -12.14 -17.12 1.81
N ILE A 160 -12.56 -16.23 2.71
CA ILE A 160 -13.35 -15.07 2.29
C ILE A 160 -12.55 -14.07 1.46
N ALA A 161 -11.29 -13.86 1.82
CA ALA A 161 -10.46 -12.92 1.07
C ALA A 161 -10.26 -13.43 -0.36
N MET A 162 -9.96 -14.72 -0.49
CA MET A 162 -9.76 -15.29 -1.82
C MET A 162 -11.06 -15.32 -2.61
N ALA A 163 -12.17 -15.58 -1.92
CA ALA A 163 -13.47 -15.62 -2.59
C ALA A 163 -13.78 -14.24 -3.18
N LYS A 164 -13.58 -13.20 -2.37
CA LYS A 164 -13.84 -11.84 -2.81
C LYS A 164 -12.93 -11.44 -3.97
N SER A 165 -11.67 -11.83 -3.89
CA SER A 165 -10.72 -11.51 -4.96
C SER A 165 -11.05 -12.26 -6.25
N LEU A 166 -11.40 -13.54 -6.12
CA LEU A 166 -11.73 -14.32 -7.30
C LEU A 166 -12.96 -13.71 -7.97
N GLN A 167 -13.93 -13.29 -7.17
CA GLN A 167 -15.14 -12.68 -7.70
C GLN A 167 -14.77 -11.40 -8.45
N ALA A 168 -13.95 -10.57 -7.80
CA ALA A 168 -13.54 -9.29 -8.39
C ALA A 168 -12.77 -9.48 -9.71
N LEU A 169 -11.95 -10.53 -9.78
CA LEU A 169 -11.14 -10.81 -10.96
C LEU A 169 -11.86 -11.45 -12.13
N THR A 170 -13.00 -12.09 -11.87
CA THR A 170 -13.73 -12.76 -12.93
C THR A 170 -15.05 -12.09 -13.29
N LEU A 171 -15.88 -11.83 -12.27
CA LEU A 171 -17.18 -11.22 -12.48
C LEU A 171 -17.17 -9.73 -12.21
N GLY A 172 -16.21 -9.28 -11.41
CA GLY A 172 -16.10 -7.87 -11.06
C GLY A 172 -15.34 -7.00 -12.02
N ASP A 173 -14.84 -5.88 -11.50
CA ASP A 173 -14.12 -4.89 -12.30
C ASP A 173 -12.62 -4.77 -12.02
N ALA A 174 -12.05 -5.74 -11.33
CA ALA A 174 -10.62 -5.69 -11.02
C ALA A 174 -9.77 -5.73 -12.28
N LEU A 175 -10.23 -6.47 -13.28
CA LEU A 175 -9.51 -6.58 -14.55
C LEU A 175 -10.36 -6.03 -15.68
N GLY A 176 -9.72 -5.67 -16.79
CA GLY A 176 -10.45 -5.17 -17.94
C GLY A 176 -11.29 -6.29 -18.51
N GLN A 177 -12.27 -5.96 -19.35
CA GLN A 177 -13.15 -6.99 -19.91
C GLN A 177 -12.44 -8.12 -20.63
N SER A 178 -11.51 -7.79 -21.53
CA SER A 178 -10.79 -8.83 -22.26
C SER A 178 -10.02 -9.73 -21.31
N GLN A 179 -9.41 -9.12 -20.30
CA GLN A 179 -8.62 -9.85 -19.33
C GLN A 179 -9.46 -10.73 -18.39
N ARG A 180 -10.56 -10.21 -17.87
CA ARG A 180 -11.39 -11.02 -16.97
C ARG A 180 -11.95 -12.21 -17.74
N GLN A 181 -12.31 -12.01 -19.01
CA GLN A 181 -12.85 -13.10 -19.81
C GLN A 181 -11.77 -14.14 -20.09
N GLN A 182 -10.53 -13.68 -20.29
CA GLN A 182 -9.44 -14.61 -20.54
C GLN A 182 -9.20 -15.46 -19.30
N LEU A 183 -9.29 -14.84 -18.12
CA LEU A 183 -9.10 -15.57 -16.88
C LEU A 183 -10.19 -16.62 -16.73
N VAL A 184 -11.43 -16.22 -17.01
CA VAL A 184 -12.55 -17.15 -16.92
C VAL A 184 -12.35 -18.33 -17.87
N THR A 185 -11.89 -18.04 -19.08
CA THR A 185 -11.68 -19.10 -20.07
C THR A 185 -10.60 -20.08 -19.62
N TRP A 186 -9.51 -19.56 -19.05
CA TRP A 186 -8.44 -20.44 -18.57
C TRP A 186 -8.96 -21.33 -17.44
N LEU A 187 -9.67 -20.72 -16.49
CA LEU A 187 -10.22 -21.49 -15.36
C LEU A 187 -11.18 -22.59 -15.80
N LYS A 188 -12.07 -22.28 -16.74
CA LYS A 188 -13.02 -23.27 -17.22
C LYS A 188 -12.33 -24.46 -17.86
N GLY A 189 -11.08 -24.27 -18.28
CA GLY A 189 -10.35 -25.34 -18.92
C GLY A 189 -9.39 -26.09 -18.03
N ASN A 190 -9.50 -25.91 -16.71
CA ASN A 190 -8.61 -26.60 -15.78
C ASN A 190 -8.72 -28.12 -15.90
N THR A 191 -7.58 -28.81 -15.81
CA THR A 191 -7.56 -30.27 -15.94
C THR A 191 -7.42 -31.02 -14.62
N THR A 192 -7.14 -30.28 -13.55
CA THR A 192 -6.90 -30.91 -12.24
C THR A 192 -8.03 -30.93 -11.21
N GLY A 193 -9.19 -30.36 -11.54
CA GLY A 193 -10.25 -30.31 -10.54
C GLY A 193 -11.42 -31.29 -10.61
N ASP A 194 -11.29 -32.36 -11.39
CA ASP A 194 -12.37 -33.34 -11.54
C ASP A 194 -12.88 -33.96 -10.24
N ASN A 195 -11.99 -34.15 -9.27
CA ASN A 195 -12.37 -34.79 -8.01
C ASN A 195 -12.49 -33.85 -6.81
N SER A 196 -12.47 -32.55 -7.05
CA SER A 196 -12.58 -31.60 -5.96
C SER A 196 -13.95 -30.94 -5.92
N ILE A 197 -14.01 -29.61 -6.00
CA ILE A 197 -15.30 -28.93 -5.97
C ILE A 197 -16.28 -29.51 -6.98
N LYS A 198 -15.84 -29.71 -8.22
CA LYS A 198 -16.71 -30.25 -9.26
C LYS A 198 -17.41 -31.55 -8.86
N ALA A 199 -16.70 -32.41 -8.13
CA ALA A 199 -17.24 -33.70 -7.71
C ALA A 199 -18.42 -33.60 -6.74
N GLY A 200 -18.62 -32.42 -6.16
CA GLY A 200 -19.72 -32.24 -5.22
C GLY A 200 -20.85 -31.41 -5.77
N LEU A 201 -20.80 -31.12 -7.07
CA LEU A 201 -21.83 -30.32 -7.72
C LEU A 201 -22.57 -31.09 -8.80
N PRO A 202 -23.78 -30.65 -9.17
CA PRO A 202 -24.56 -31.31 -10.21
C PRO A 202 -23.71 -31.39 -11.48
N LYS A 203 -23.79 -32.53 -12.17
CA LYS A 203 -22.99 -32.74 -13.37
C LYS A 203 -23.18 -31.74 -14.51
N HIS A 204 -24.31 -31.04 -14.55
CA HIS A 204 -24.56 -30.09 -15.62
C HIS A 204 -24.13 -28.65 -15.34
N TRP A 205 -23.59 -28.39 -14.15
CA TRP A 205 -23.14 -27.04 -13.81
C TRP A 205 -21.77 -26.80 -14.42
N VAL A 206 -21.53 -25.57 -14.86
CA VAL A 206 -20.23 -25.21 -15.45
C VAL A 206 -19.34 -24.68 -14.33
N VAL A 207 -18.10 -25.15 -14.28
CA VAL A 207 -17.17 -24.74 -13.23
C VAL A 207 -15.79 -24.35 -13.77
N GLY A 208 -15.21 -23.33 -13.15
CA GLY A 208 -13.87 -22.88 -13.51
C GLY A 208 -13.12 -22.89 -12.20
N ASP A 209 -12.21 -23.85 -12.00
CA ASP A 209 -11.49 -23.95 -10.73
C ASP A 209 -9.98 -24.01 -10.82
N LYS A 210 -9.34 -23.82 -9.67
CA LYS A 210 -7.89 -23.93 -9.54
C LYS A 210 -7.66 -24.65 -8.22
N THR A 211 -7.04 -25.83 -8.30
CA THR A 211 -6.76 -26.64 -7.13
C THR A 211 -5.44 -26.26 -6.46
N GLY A 212 -5.24 -26.81 -5.26
CA GLY A 212 -4.02 -26.58 -4.52
C GLY A 212 -3.70 -27.82 -3.71
N SER A 213 -2.43 -28.20 -3.67
CA SER A 213 -1.98 -29.39 -2.93
C SER A 213 -0.63 -29.07 -2.29
N GLY A 214 -0.51 -29.28 -0.97
CA GLY A 214 0.75 -28.99 -0.32
C GLY A 214 1.09 -29.92 0.82
N ASP A 215 2.11 -29.57 1.61
CA ASP A 215 2.50 -30.40 2.75
C ASP A 215 1.36 -30.40 3.77
N TYR A 216 1.46 -31.28 4.77
CA TYR A 216 0.43 -31.40 5.80
C TYR A 216 -0.92 -31.74 5.18
N GLY A 217 -0.87 -32.51 4.08
CA GLY A 217 -2.09 -32.94 3.41
C GLY A 217 -3.00 -31.79 3.05
N THR A 218 -2.43 -30.63 2.74
CA THR A 218 -3.20 -29.46 2.38
C THR A 218 -3.90 -29.70 1.05
N THR A 219 -5.23 -29.65 1.08
CA THR A 219 -6.05 -29.90 -0.11
C THR A 219 -6.99 -28.72 -0.32
N ASN A 220 -6.77 -27.97 -1.40
CA ASN A 220 -7.56 -26.77 -1.70
C ASN A 220 -8.18 -26.73 -3.09
N ASP A 221 -9.15 -25.85 -3.24
CA ASP A 221 -9.80 -25.64 -4.53
C ASP A 221 -10.60 -24.35 -4.46
N ILE A 222 -10.49 -23.53 -5.48
CA ILE A 222 -11.24 -22.27 -5.54
C ILE A 222 -11.89 -22.26 -6.92
N ALA A 223 -13.10 -21.73 -7.01
CA ALA A 223 -13.77 -21.74 -8.30
C ALA A 223 -14.92 -20.78 -8.45
N VAL A 224 -15.27 -20.54 -9.71
CA VAL A 224 -16.43 -19.73 -10.06
C VAL A 224 -17.36 -20.80 -10.61
N ILE A 225 -18.62 -20.76 -10.18
CA ILE A 225 -19.61 -21.75 -10.58
C ILE A 225 -20.80 -21.09 -11.28
N TRP A 226 -21.23 -21.70 -12.37
CA TRP A 226 -22.36 -21.20 -13.14
C TRP A 226 -23.45 -22.27 -13.10
N PRO A 227 -24.36 -22.19 -12.10
CA PRO A 227 -25.45 -23.16 -11.95
C PRO A 227 -26.53 -22.99 -13.02
N GLU A 228 -27.33 -24.03 -13.19
CA GLU A 228 -28.41 -24.01 -14.17
C GLU A 228 -29.37 -22.86 -13.85
N ASN A 229 -29.56 -21.96 -14.82
CA ASN A 229 -30.45 -20.81 -14.67
C ASN A 229 -30.37 -20.16 -13.29
N HIS A 230 -29.18 -19.73 -12.92
CA HIS A 230 -28.96 -19.09 -11.63
C HIS A 230 -27.70 -18.25 -11.76
N ALA A 231 -27.66 -17.16 -11.00
CA ALA A 231 -26.50 -16.28 -11.03
C ALA A 231 -25.28 -17.07 -10.57
N PRO A 232 -24.08 -16.67 -11.01
CA PRO A 232 -22.82 -17.32 -10.65
C PRO A 232 -22.53 -17.34 -9.15
N LEU A 233 -21.73 -18.31 -8.73
CA LEU A 233 -21.33 -18.45 -7.34
C LEU A 233 -19.80 -18.47 -7.32
N ILE A 234 -19.21 -18.09 -6.20
CA ILE A 234 -17.77 -18.12 -6.05
C ILE A 234 -17.55 -19.00 -4.81
N LEU A 235 -16.73 -20.03 -4.94
CA LEU A 235 -16.51 -20.93 -3.81
C LEU A 235 -15.05 -21.23 -3.55
N VAL A 236 -14.65 -21.12 -2.28
CA VAL A 236 -13.29 -21.41 -1.87
C VAL A 236 -13.36 -22.44 -0.75
N VAL A 237 -12.57 -23.50 -0.88
CA VAL A 237 -12.52 -24.53 0.14
C VAL A 237 -11.07 -24.86 0.40
N TYR A 238 -10.63 -24.58 1.62
CA TYR A 238 -9.27 -24.87 2.04
C TYR A 238 -9.32 -25.94 3.12
N PHE A 239 -8.34 -26.83 3.11
CA PHE A 239 -8.29 -27.90 4.10
C PHE A 239 -6.84 -28.29 4.36
N THR A 240 -6.49 -28.41 5.63
CA THR A 240 -5.13 -28.79 5.99
C THR A 240 -5.17 -29.76 7.17
N GLN A 241 -4.11 -30.53 7.33
CA GLN A 241 -4.08 -31.54 8.38
C GLN A 241 -2.93 -31.46 9.37
N GLN A 242 -3.03 -32.28 10.41
CA GLN A 242 -2.05 -32.31 11.50
C GLN A 242 -0.65 -32.81 11.19
N GLU A 243 -0.54 -33.92 10.46
CA GLU A 243 0.77 -34.47 10.14
C GLU A 243 1.36 -34.01 8.81
N GLN A 244 2.64 -33.70 8.83
CA GLN A 244 3.34 -33.22 7.65
C GLN A 244 3.15 -34.11 6.42
N ASN A 245 3.12 -35.43 6.61
CA ASN A 245 2.96 -36.38 5.52
C ASN A 245 1.53 -36.83 5.25
N ALA A 246 0.55 -36.11 5.78
CA ALA A 246 -0.84 -36.47 5.59
C ALA A 246 -1.17 -36.61 4.10
N LYS A 247 -2.08 -37.53 3.78
CA LYS A 247 -2.48 -37.72 2.39
C LYS A 247 -3.59 -36.73 2.06
N TYR A 248 -3.74 -36.40 0.79
CA TYR A 248 -4.76 -35.44 0.38
C TYR A 248 -6.17 -35.97 0.58
N ARG A 249 -7.10 -35.07 0.82
CA ARG A 249 -8.50 -35.44 1.04
C ARG A 249 -9.45 -34.63 0.17
N LYS A 250 -9.46 -34.92 -1.13
CA LYS A 250 -10.34 -34.20 -2.05
C LYS A 250 -11.81 -34.50 -1.73
N ASP A 251 -12.06 -35.64 -1.11
CA ASP A 251 -13.42 -36.03 -0.74
C ASP A 251 -14.03 -35.00 0.21
N ILE A 252 -13.19 -34.38 1.03
CA ILE A 252 -13.65 -33.37 1.97
C ILE A 252 -14.08 -32.11 1.20
N ILE A 253 -13.34 -31.78 0.15
CA ILE A 253 -13.66 -30.60 -0.66
C ILE A 253 -14.98 -30.83 -1.39
N ALA A 254 -15.14 -32.02 -1.97
CA ALA A 254 -16.35 -32.35 -2.70
C ALA A 254 -17.59 -32.23 -1.80
N LYS A 255 -17.51 -32.80 -0.60
CA LYS A 255 -18.64 -32.75 0.32
C LYS A 255 -18.94 -31.31 0.76
N ALA A 256 -17.89 -30.53 1.00
CA ALA A 256 -18.11 -29.14 1.42
C ALA A 256 -18.88 -28.38 0.35
N ALA A 257 -18.53 -28.64 -0.92
CA ALA A 257 -19.18 -27.96 -2.04
C ALA A 257 -20.66 -28.37 -2.10
N GLU A 258 -20.91 -29.65 -1.89
CA GLU A 258 -22.28 -30.18 -1.92
C GLU A 258 -23.11 -29.54 -0.81
N ILE A 259 -22.54 -29.49 0.39
CA ILE A 259 -23.24 -28.91 1.54
C ILE A 259 -23.67 -27.46 1.34
N VAL A 260 -22.74 -26.62 0.87
CA VAL A 260 -23.04 -25.21 0.69
C VAL A 260 -23.84 -24.83 -0.55
N THR A 261 -23.99 -25.76 -1.49
CA THR A 261 -24.76 -25.48 -2.70
C THR A 261 -26.06 -26.29 -2.77
N LYS A 262 -26.26 -27.19 -1.81
CA LYS A 262 -27.45 -28.03 -1.80
C LYS A 262 -28.76 -27.25 -1.97
N GLU A 263 -28.98 -26.24 -1.14
CA GLU A 263 -30.18 -25.43 -1.21
C GLU A 263 -30.37 -24.77 -2.57
N ILE A 264 -29.27 -24.29 -3.14
CA ILE A 264 -29.31 -23.64 -4.44
C ILE A 264 -29.75 -24.59 -5.54
N SER A 265 -29.24 -25.81 -5.51
CA SER A 265 -29.58 -26.81 -6.53
C SER A 265 -30.99 -27.37 -6.40
N ASN A 266 -31.63 -27.11 -5.27
CA ASN A 266 -32.98 -27.62 -5.05
C ASN A 266 -34.07 -26.61 -5.40
N SER A 267 -33.66 -25.41 -5.81
CA SER A 267 -34.63 -24.37 -6.17
C SER A 267 -34.14 -23.55 -7.36
N ASN B 4 -16.75 4.32 3.08
CA ASN B 4 -17.58 5.46 2.62
C ASN B 4 -17.17 6.76 3.30
N THR B 5 -16.98 6.73 4.62
CA THR B 5 -16.56 7.92 5.35
C THR B 5 -15.10 8.19 5.02
N ILE B 6 -14.64 9.41 5.25
CA ILE B 6 -13.25 9.76 4.98
C ILE B 6 -12.35 8.82 5.78
N GLU B 7 -12.72 8.57 7.03
CA GLU B 7 -11.97 7.69 7.92
C GLU B 7 -11.74 6.33 7.28
N GLU B 8 -12.82 5.77 6.73
CA GLU B 8 -12.75 4.46 6.09
C GLU B 8 -11.92 4.51 4.81
N GLN B 9 -12.07 5.60 4.05
CA GLN B 9 -11.34 5.76 2.81
C GLN B 9 -9.83 5.86 3.05
N LEU B 10 -9.45 6.52 4.14
CA LEU B 10 -8.03 6.67 4.46
C LEU B 10 -7.49 5.32 4.94
N ASN B 11 -8.32 4.58 5.67
CA ASN B 11 -7.92 3.26 6.17
C ASN B 11 -7.68 2.35 4.96
N THR B 12 -8.58 2.42 3.99
CA THR B 12 -8.45 1.61 2.79
C THR B 12 -7.17 1.98 2.06
N LEU B 13 -6.89 3.29 1.99
CA LEU B 13 -5.68 3.75 1.33
C LEU B 13 -4.46 3.22 2.06
N GLU B 14 -4.50 3.27 3.39
CA GLU B 14 -3.37 2.80 4.18
C GLU B 14 -3.12 1.31 4.00
N LYS B 15 -4.17 0.49 4.08
CA LYS B 15 -4.01 -0.95 3.91
C LYS B 15 -3.41 -1.24 2.54
N TYR B 16 -3.85 -0.48 1.54
CA TYR B 16 -3.34 -0.66 0.18
C TYR B 16 -1.85 -0.30 0.09
N SER B 17 -1.46 0.73 0.81
CA SER B 17 -0.07 1.20 0.80
C SER B 17 0.88 0.25 1.51
N GLN B 18 0.35 -0.55 2.43
CA GLN B 18 1.13 -1.50 3.21
C GLN B 18 2.02 -0.79 4.24
N GLY B 19 1.84 0.53 4.36
CA GLY B 19 2.65 1.29 5.32
C GLY B 19 1.83 1.93 6.43
N ARG B 20 2.35 2.99 7.03
CA ARG B 20 1.65 3.68 8.10
C ARG B 20 1.40 5.13 7.67
N LEU B 21 0.13 5.51 7.65
CA LEU B 21 -0.31 6.83 7.21
C LEU B 21 -0.82 7.74 8.32
N GLY B 22 -0.41 9.00 8.29
CA GLY B 22 -0.84 9.98 9.27
C GLY B 22 -1.42 11.18 8.56
N VAL B 23 -2.62 11.59 8.94
CA VAL B 23 -3.24 12.74 8.29
C VAL B 23 -3.92 13.69 9.25
N ALA B 24 -3.81 14.98 8.97
CA ALA B 24 -4.44 16.01 9.79
C ALA B 24 -4.84 17.18 8.90
N LEU B 25 -6.14 17.42 8.79
CA LEU B 25 -6.67 18.52 8.00
C LEU B 25 -7.44 19.47 8.89
N ILE B 26 -7.08 20.75 8.86
CA ILE B 26 -7.79 21.73 9.65
C ILE B 26 -8.54 22.64 8.68
N ASN B 27 -9.85 22.76 8.88
CA ASN B 27 -10.68 23.62 8.03
C ASN B 27 -10.84 24.91 8.83
N THR B 28 -10.14 25.97 8.44
CA THR B 28 -10.22 27.22 9.20
C THR B 28 -11.55 27.94 9.12
N GLU B 29 -12.49 27.39 8.34
CA GLU B 29 -13.80 28.00 8.21
C GLU B 29 -14.49 27.95 9.57
N ASP B 30 -14.22 26.87 10.31
CA ASP B 30 -14.80 26.67 11.63
C ASP B 30 -13.83 25.93 12.56
N ASN B 31 -12.59 25.80 12.11
CA ASN B 31 -11.55 25.12 12.88
C ASN B 31 -11.83 23.65 13.15
N SER B 32 -12.69 23.05 12.33
CA SER B 32 -13.00 21.63 12.48
C SER B 32 -11.81 20.87 11.95
N GLN B 33 -11.68 19.61 12.33
CA GLN B 33 -10.55 18.82 11.86
C GLN B 33 -10.91 17.40 11.47
N ILE B 34 -10.11 16.86 10.56
CA ILE B 34 -10.28 15.49 10.08
C ILE B 34 -8.88 14.90 10.26
N THR B 35 -8.79 13.81 11.02
CA THR B 35 -7.48 13.20 11.28
C THR B 35 -7.48 11.68 11.13
N TYR B 36 -6.29 11.14 10.88
CA TYR B 36 -6.07 9.71 10.77
C TYR B 36 -4.72 9.49 11.45
N ARG B 37 -4.72 8.73 12.56
CA ARG B 37 -3.51 8.50 13.34
C ARG B 37 -2.93 9.88 13.68
N GLY B 38 -3.83 10.83 13.90
CA GLY B 38 -3.44 12.20 14.18
C GLY B 38 -2.59 12.46 15.41
N GLU B 39 -2.63 11.56 16.40
CA GLU B 39 -1.85 11.73 17.63
C GLU B 39 -0.55 10.93 17.63
N GLU B 40 -0.39 10.04 16.65
CA GLU B 40 0.81 9.21 16.57
C GLU B 40 2.02 10.01 16.10
N ARG B 41 3.20 9.65 16.59
CA ARG B 41 4.43 10.32 16.19
C ARG B 41 4.96 9.74 14.88
N PHE B 42 5.45 10.62 14.02
CA PHE B 42 6.03 10.25 12.72
C PHE B 42 7.32 11.05 12.55
N ALA B 43 8.30 10.47 11.88
CA ALA B 43 9.56 11.16 11.63
C ALA B 43 9.22 12.32 10.67
N MET B 44 9.66 13.52 11.01
CA MET B 44 9.37 14.70 10.19
C MET B 44 10.19 14.86 8.91
N ALA B 45 11.45 14.42 8.95
CA ALA B 45 12.33 14.59 7.80
C ALA B 45 12.39 16.10 7.52
N SER B 46 12.51 16.48 6.26
CA SER B 46 12.60 17.90 5.91
C SER B 46 11.43 18.81 6.28
N THR B 47 10.28 18.24 6.64
CA THR B 47 9.15 19.09 7.01
C THR B 47 9.49 19.82 8.30
N SER B 48 10.50 19.33 9.01
CA SER B 48 10.96 19.92 10.26
C SER B 48 11.58 21.30 10.04
N LYS B 49 11.97 21.58 8.80
CA LYS B 49 12.61 22.86 8.47
C LYS B 49 11.70 24.08 8.65
N VAL B 50 10.40 23.88 8.53
CA VAL B 50 9.47 25.00 8.67
C VAL B 50 9.56 25.63 10.06
N MET B 51 9.57 24.80 11.10
CA MET B 51 9.65 25.29 12.47
C MET B 51 10.99 26.02 12.70
N ALA B 52 12.05 25.52 12.09
CA ALA B 52 13.38 26.13 12.25
C ALA B 52 13.40 27.53 11.63
N VAL B 53 12.89 27.67 10.42
CA VAL B 53 12.86 28.97 9.76
C VAL B 53 11.95 29.92 10.55
N ALA B 54 10.87 29.38 11.11
CA ALA B 54 9.94 30.19 11.89
C ALA B 54 10.64 30.77 13.11
N ALA B 55 11.54 29.98 13.70
CA ALA B 55 12.30 30.43 14.86
C ALA B 55 13.13 31.64 14.48
N VAL B 56 13.72 31.58 13.28
CA VAL B 56 14.55 32.68 12.78
C VAL B 56 13.68 33.92 12.54
N LEU B 57 12.51 33.73 11.94
CA LEU B 57 11.61 34.84 11.68
C LEU B 57 11.18 35.50 12.98
N LYS B 58 10.92 34.69 14.01
CA LYS B 58 10.51 35.23 15.31
C LYS B 58 11.64 36.09 15.88
N ALA B 59 12.87 35.62 15.71
CA ALA B 59 14.02 36.36 16.21
C ALA B 59 14.22 37.68 15.47
N SER B 60 13.87 37.71 14.19
CA SER B 60 14.03 38.93 13.39
C SER B 60 13.06 40.02 13.81
N GLU B 61 12.04 39.65 14.58
CA GLU B 61 11.05 40.61 15.05
C GLU B 61 11.68 41.59 16.04
N LYS B 62 12.75 41.14 16.70
CA LYS B 62 13.44 41.97 17.68
C LYS B 62 14.77 42.51 17.18
N GLN B 63 15.36 41.85 16.20
CA GLN B 63 16.65 42.27 15.65
C GLN B 63 16.53 42.74 14.20
N ALA B 64 16.61 44.05 14.02
CA ALA B 64 16.50 44.64 12.68
C ALA B 64 17.60 44.16 11.74
N GLY B 65 17.23 43.87 10.50
CA GLY B 65 18.18 43.42 9.52
C GLY B 65 18.69 42.00 9.70
N LEU B 66 18.16 41.29 10.69
CA LEU B 66 18.60 39.92 10.95
C LEU B 66 18.55 39.03 9.71
N LEU B 67 17.48 39.13 8.93
CA LEU B 67 17.36 38.31 7.73
C LEU B 67 18.46 38.61 6.72
N ASP B 68 19.08 39.77 6.85
CA ASP B 68 20.15 40.16 5.93
C ASP B 68 21.53 39.88 6.53
N LYS B 69 21.55 39.24 7.70
CA LYS B 69 22.80 38.91 8.36
C LYS B 69 23.50 37.83 7.54
N ASN B 70 24.72 38.11 7.12
CA ASN B 70 25.49 37.15 6.33
C ASN B 70 26.11 36.08 7.20
N ILE B 71 25.97 34.83 6.78
CA ILE B 71 26.53 33.70 7.50
C ILE B 71 27.58 33.03 6.61
N THR B 72 28.75 32.78 7.16
CA THR B 72 29.83 32.15 6.41
C THR B 72 29.60 30.64 6.31
N ILE B 73 29.93 30.07 5.15
CA ILE B 73 29.77 28.65 4.93
C ILE B 73 31.14 28.02 4.67
N LYS B 74 31.56 27.13 5.57
CA LYS B 74 32.84 26.45 5.42
C LYS B 74 32.65 25.19 4.57
N LYS B 75 33.72 24.72 3.95
CA LYS B 75 33.62 23.52 3.15
C LYS B 75 33.16 22.37 4.05
N SER B 76 33.70 22.33 5.27
CA SER B 76 33.34 21.29 6.22
C SER B 76 31.88 21.32 6.69
N ASP B 77 31.16 22.41 6.36
CA ASP B 77 29.76 22.53 6.73
C ASP B 77 28.86 21.78 5.74
N LEU B 78 29.35 21.61 4.51
CA LEU B 78 28.57 20.96 3.46
C LEU B 78 28.17 19.52 3.71
N VAL B 79 26.87 19.26 3.63
CA VAL B 79 26.31 17.93 3.81
C VAL B 79 25.60 17.52 2.53
N ALA B 80 25.10 16.29 2.48
CA ALA B 80 24.39 15.78 1.31
C ALA B 80 23.25 16.69 0.86
N TYR B 81 23.13 16.85 -0.45
CA TYR B 81 22.14 17.69 -1.10
C TYR B 81 22.09 19.13 -0.59
N SER B 82 22.99 19.94 -1.12
CA SER B 82 23.10 21.34 -0.77
C SER B 82 23.34 22.09 -2.08
N PRO B 83 22.37 22.00 -3.01
CA PRO B 83 22.46 22.65 -4.32
C PRO B 83 22.71 24.15 -4.33
N ILE B 84 22.21 24.86 -3.32
CA ILE B 84 22.39 26.30 -3.25
C ILE B 84 23.62 26.70 -2.42
N THR B 85 23.71 26.17 -1.20
CA THR B 85 24.81 26.49 -0.31
C THR B 85 26.20 26.12 -0.84
N GLU B 86 26.31 25.00 -1.56
CA GLU B 86 27.59 24.57 -2.07
C GLU B 86 28.18 25.58 -3.07
N LYS B 87 27.34 26.49 -3.56
CA LYS B 87 27.78 27.50 -4.52
C LYS B 87 28.09 28.84 -3.86
N HIS B 88 27.98 28.92 -2.54
CA HIS B 88 28.24 30.18 -1.86
C HIS B 88 29.30 30.11 -0.76
N LEU B 89 30.30 29.26 -0.95
CA LEU B 89 31.37 29.13 0.04
C LEU B 89 32.17 30.41 0.16
N THR B 90 32.36 31.11 -0.95
CA THR B 90 33.14 32.35 -0.95
C THR B 90 32.36 33.56 -0.44
N THR B 91 31.09 33.63 -0.80
CA THR B 91 30.25 34.76 -0.40
C THR B 91 29.45 34.54 0.87
N GLY B 92 29.16 33.28 1.19
CA GLY B 92 28.36 33.00 2.36
C GLY B 92 26.93 33.29 1.96
N MET B 93 25.99 33.19 2.90
CA MET B 93 24.58 33.45 2.61
C MET B 93 23.88 34.11 3.78
N THR B 94 22.92 34.97 3.49
CA THR B 94 22.16 35.65 4.54
C THR B 94 21.14 34.67 5.10
N LEU B 95 20.59 34.97 6.26
CA LEU B 95 19.60 34.10 6.88
C LEU B 95 18.36 34.00 6.00
N ALA B 96 18.08 35.04 5.23
CA ALA B 96 16.94 35.03 4.32
C ALA B 96 17.22 34.07 3.17
N GLU B 97 18.43 34.14 2.62
CA GLU B 97 18.81 33.27 1.52
C GLU B 97 18.88 31.82 2.00
N LEU B 98 19.31 31.62 3.24
CA LEU B 98 19.38 30.28 3.80
C LEU B 98 17.98 29.70 3.99
N SER B 99 17.06 30.54 4.49
CA SER B 99 15.69 30.12 4.71
C SER B 99 15.01 29.76 3.39
N ALA B 100 15.18 30.62 2.38
CA ALA B 100 14.57 30.37 1.08
C ALA B 100 15.15 29.09 0.47
N ALA B 101 16.46 28.92 0.57
CA ALA B 101 17.11 27.72 0.03
C ALA B 101 16.64 26.45 0.71
N THR B 102 16.56 26.47 2.04
CA THR B 102 16.15 25.27 2.76
C THR B 102 14.67 24.93 2.57
N LEU B 103 13.84 25.95 2.43
CA LEU B 103 12.40 25.70 2.26
C LEU B 103 11.99 25.40 0.82
N GLN B 104 12.55 26.12 -0.14
CA GLN B 104 12.16 25.94 -1.53
C GLN B 104 12.93 24.87 -2.31
N TYR B 105 14.11 24.50 -1.82
CA TYR B 105 14.91 23.46 -2.48
C TYR B 105 15.26 22.34 -1.51
N SER B 106 15.00 22.56 -0.23
CA SER B 106 15.28 21.59 0.82
C SER B 106 16.79 21.42 0.96
N ASP B 107 17.52 22.51 0.77
CA ASP B 107 18.98 22.52 0.91
C ASP B 107 19.28 22.15 2.36
N ASN B 108 20.01 21.05 2.57
CA ASN B 108 20.30 20.60 3.92
C ASN B 108 21.38 21.36 4.68
N THR B 109 22.40 21.85 3.98
CA THR B 109 23.43 22.61 4.66
C THR B 109 22.79 23.89 5.19
N ALA B 110 21.87 24.45 4.40
CA ALA B 110 21.17 25.67 4.79
C ALA B 110 20.44 25.47 6.11
N MET B 111 19.84 24.30 6.29
CA MET B 111 19.13 23.99 7.54
C MET B 111 20.15 23.94 8.68
N ASN B 112 21.25 23.23 8.47
CA ASN B 112 22.28 23.12 9.49
C ASN B 112 22.85 24.48 9.88
N LYS B 113 23.05 25.36 8.89
CA LYS B 113 23.57 26.68 9.20
C LYS B 113 22.57 27.48 10.00
N ILE B 114 21.28 27.26 9.73
CA ILE B 114 20.22 27.95 10.46
C ILE B 114 20.24 27.45 11.91
N LEU B 115 20.40 26.14 12.09
CA LEU B 115 20.46 25.57 13.43
C LEU B 115 21.68 26.12 14.17
N ASP B 116 22.79 26.27 13.44
CA ASP B 116 24.03 26.80 14.03
C ASP B 116 23.78 28.22 14.54
N TYR B 117 23.12 29.04 13.72
CA TYR B 117 22.84 30.40 14.13
C TYR B 117 21.92 30.44 15.36
N LEU B 118 20.88 29.62 15.36
CA LEU B 118 19.92 29.59 16.45
C LEU B 118 20.53 29.09 17.75
N GLY B 119 21.49 28.18 17.65
CA GLY B 119 22.11 27.64 18.83
C GLY B 119 21.82 26.16 19.06
N GLY B 120 21.42 25.47 18.00
CA GLY B 120 21.16 24.04 18.11
C GLY B 120 19.71 23.61 17.93
N PRO B 121 19.47 22.32 17.64
CA PRO B 121 18.12 21.78 17.45
C PRO B 121 17.17 22.10 18.61
N ALA B 122 17.70 22.00 19.83
CA ALA B 122 16.90 22.25 21.02
C ALA B 122 16.21 23.62 21.00
N LYS B 123 16.84 24.60 20.37
CA LYS B 123 16.26 25.94 20.29
C LYS B 123 15.01 25.93 19.41
N VAL B 124 14.98 25.05 18.42
CA VAL B 124 13.82 24.94 17.55
C VAL B 124 12.68 24.31 18.34
N THR B 125 13.01 23.30 19.14
CA THR B 125 12.02 22.63 19.97
C THR B 125 11.44 23.64 20.96
N GLN B 126 12.33 24.46 21.51
CA GLN B 126 11.93 25.48 22.46
C GLN B 126 10.97 26.49 21.81
N PHE B 127 11.22 26.81 20.54
CA PHE B 127 10.35 27.74 19.84
C PHE B 127 8.97 27.08 19.67
N ALA B 128 8.96 25.80 19.31
CA ALA B 128 7.71 25.07 19.13
C ALA B 128 6.89 25.18 20.43
N ARG B 129 7.55 24.98 21.56
CA ARG B 129 6.87 25.07 22.85
C ARG B 129 6.28 26.47 23.04
N SER B 130 6.99 27.48 22.55
CA SER B 130 6.52 28.86 22.72
C SER B 130 5.22 29.12 21.97
N ILE B 131 4.91 28.30 20.96
CA ILE B 131 3.66 28.47 20.22
C ILE B 131 2.65 27.40 20.60
N ASN B 132 2.82 26.86 21.80
CA ASN B 132 1.92 25.84 22.34
C ASN B 132 1.96 24.47 21.66
N ASP B 133 3.09 24.12 21.06
CA ASP B 133 3.26 22.83 20.40
C ASP B 133 4.13 22.02 21.37
N VAL B 134 3.52 21.06 22.08
CA VAL B 134 4.28 20.27 23.04
C VAL B 134 4.73 18.93 22.49
N THR B 135 4.49 18.70 21.20
CA THR B 135 4.84 17.44 20.57
C THR B 135 6.09 17.51 19.71
N TYR B 136 6.22 18.58 18.93
CA TYR B 136 7.38 18.77 18.06
C TYR B 136 8.71 18.67 18.81
N ARG B 137 9.65 17.93 18.27
CA ARG B 137 10.98 17.82 18.86
C ARG B 137 12.02 17.60 17.78
N LEU B 138 13.04 18.46 17.75
CA LEU B 138 14.13 18.35 16.80
C LEU B 138 15.33 17.98 17.66
N ASP B 139 15.95 16.86 17.36
CA ASP B 139 17.07 16.37 18.16
C ASP B 139 18.41 16.35 17.43
N ARG B 140 18.37 16.22 16.11
CA ARG B 140 19.59 16.14 15.33
C ARG B 140 19.57 17.06 14.12
N LYS B 141 20.72 17.18 13.47
CA LYS B 141 20.86 18.01 12.28
C LYS B 141 20.85 17.09 11.06
N GLU B 142 21.07 17.67 9.89
CA GLU B 142 21.12 16.88 8.65
C GLU B 142 22.50 16.23 8.61
N PRO B 143 22.58 14.97 8.15
CA PRO B 143 21.51 14.10 7.64
C PRO B 143 20.87 13.14 8.65
N GLU B 144 21.40 13.12 9.87
CA GLU B 144 20.89 12.20 10.90
C GLU B 144 19.41 12.27 11.23
N LEU B 145 18.80 13.45 11.10
CA LEU B 145 17.39 13.56 11.43
C LEU B 145 16.46 12.78 10.50
N ASN B 146 17.02 12.18 9.45
CA ASN B 146 16.22 11.41 8.49
C ASN B 146 16.21 9.89 8.71
N THR B 147 16.85 9.39 9.77
CA THR B 147 16.87 7.95 10.00
C THR B 147 15.47 7.32 10.07
N ALA B 148 14.49 8.08 10.56
CA ALA B 148 13.11 7.63 10.64
C ALA B 148 12.91 6.21 11.16
N ILE B 149 13.67 5.83 12.18
CA ILE B 149 13.56 4.51 12.77
C ILE B 149 12.22 4.33 13.47
N HIS B 150 11.54 3.21 13.22
CA HIS B 150 10.26 2.95 13.86
C HIS B 150 10.42 2.93 15.38
N GLY B 151 9.58 3.66 16.09
CA GLY B 151 9.67 3.69 17.54
C GLY B 151 10.70 4.64 18.12
N ASP B 152 11.32 5.45 17.26
CA ASP B 152 12.33 6.43 17.68
C ASP B 152 11.63 7.78 17.80
N PRO B 153 11.66 8.40 19.00
CA PRO B 153 11.01 9.70 19.20
C PRO B 153 11.78 10.89 18.63
N ARG B 154 13.04 10.68 18.30
CA ARG B 154 13.86 11.77 17.76
C ARG B 154 13.34 12.37 16.47
N ASP B 155 13.32 13.70 16.43
CA ASP B 155 12.90 14.43 15.23
C ASP B 155 11.53 14.00 14.70
N THR B 156 10.57 13.89 15.60
CA THR B 156 9.22 13.49 15.23
C THR B 156 8.20 14.48 15.78
N THR B 157 6.96 14.31 15.33
CA THR B 157 5.83 15.10 15.79
C THR B 157 4.59 14.37 15.32
N SER B 158 3.42 14.87 15.67
CA SER B 158 2.18 14.23 15.25
C SER B 158 1.54 15.05 14.15
N PRO B 159 0.67 14.42 13.35
CA PRO B 159 0.02 15.17 12.27
C PRO B 159 -0.77 16.37 12.80
N ILE B 160 -1.52 16.16 13.88
CA ILE B 160 -2.32 17.24 14.44
C ILE B 160 -1.48 18.35 15.07
N ALA B 161 -0.39 17.99 15.74
CA ALA B 161 0.45 19.00 16.35
C ALA B 161 1.03 19.91 15.26
N MET B 162 1.55 19.30 14.18
CA MET B 162 2.14 20.08 13.10
C MET B 162 1.10 20.89 12.34
N ALA B 163 -0.12 20.37 12.24
CA ALA B 163 -1.19 21.09 11.55
C ALA B 163 -1.54 22.35 12.34
N LYS B 164 -1.69 22.20 13.65
CA LYS B 164 -2.02 23.35 14.48
C LYS B 164 -0.89 24.38 14.44
N SER B 165 0.35 23.91 14.46
CA SER B 165 1.48 24.83 14.41
C SER B 165 1.60 25.53 13.06
N LEU B 166 1.36 24.81 11.97
CA LEU B 166 1.46 25.43 10.65
C LEU B 166 0.36 26.50 10.54
N GLN B 167 -0.79 26.21 11.13
CA GLN B 167 -1.91 27.17 11.11
C GLN B 167 -1.50 28.43 11.85
N ALA B 168 -1.04 28.26 13.09
CA ALA B 168 -0.63 29.40 13.91
C ALA B 168 0.44 30.25 13.23
N LEU B 169 1.37 29.60 12.54
CA LEU B 169 2.46 30.29 11.86
C LEU B 169 2.12 30.98 10.55
N THR B 170 1.27 30.35 9.72
CA THR B 170 0.94 30.93 8.43
C THR B 170 -0.37 31.70 8.36
N LEU B 171 -1.29 31.42 9.27
CA LEU B 171 -2.58 32.11 9.28
C LEU B 171 -2.90 32.78 10.60
N GLY B 172 -2.29 32.28 11.68
CA GLY B 172 -2.53 32.84 13.01
C GLY B 172 -1.60 33.97 13.39
N ASP B 173 -1.43 34.19 14.69
CA ASP B 173 -0.57 35.27 15.17
C ASP B 173 0.69 34.83 15.88
N ALA B 174 1.22 33.66 15.51
CA ALA B 174 2.44 33.17 16.15
C ALA B 174 3.62 34.07 15.78
N LEU B 175 3.56 34.62 14.57
CA LEU B 175 4.62 35.52 14.08
C LEU B 175 4.01 36.88 13.77
N GLY B 176 4.87 37.89 13.64
CA GLY B 176 4.38 39.22 13.30
C GLY B 176 3.89 39.18 11.86
N GLN B 177 3.04 40.13 11.47
CA GLN B 177 2.50 40.14 10.11
C GLN B 177 3.59 40.07 9.03
N SER B 178 4.62 40.89 9.16
CA SER B 178 5.71 40.90 8.18
C SER B 178 6.33 39.52 8.05
N GLN B 179 6.58 38.89 9.20
CA GLN B 179 7.19 37.56 9.23
C GLN B 179 6.26 36.48 8.71
N ARG B 180 4.98 36.58 9.06
CA ARG B 180 4.00 35.60 8.60
C ARG B 180 3.90 35.68 7.07
N GLN B 181 3.84 36.89 6.53
CA GLN B 181 3.76 37.05 5.08
C GLN B 181 5.02 36.48 4.43
N GLN B 182 6.17 36.68 5.07
CA GLN B 182 7.42 36.15 4.54
C GLN B 182 7.42 34.63 4.49
N LEU B 183 6.98 34.00 5.58
CA LEU B 183 6.93 32.54 5.64
C LEU B 183 6.00 32.01 4.54
N VAL B 184 4.85 32.66 4.38
CA VAL B 184 3.89 32.26 3.35
C VAL B 184 4.50 32.40 1.97
N THR B 185 5.18 33.51 1.74
CA THR B 185 5.82 33.74 0.45
C THR B 185 6.82 32.62 0.13
N TRP B 186 7.66 32.26 1.10
CA TRP B 186 8.62 31.20 0.88
C TRP B 186 7.95 29.86 0.58
N LEU B 187 6.94 29.51 1.37
CA LEU B 187 6.23 28.25 1.18
C LEU B 187 5.57 28.14 -0.20
N LYS B 188 5.01 29.25 -0.67
CA LYS B 188 4.34 29.27 -1.97
C LYS B 188 5.33 29.13 -3.12
N GLY B 189 6.60 29.38 -2.85
CA GLY B 189 7.62 29.26 -3.88
C GLY B 189 8.36 27.94 -3.84
N ASN B 190 7.86 26.99 -3.07
CA ASN B 190 8.52 25.69 -2.99
C ASN B 190 8.57 25.04 -4.38
N THR B 191 9.66 24.35 -4.66
CA THR B 191 9.83 23.70 -5.96
C THR B 191 9.79 22.18 -5.88
N THR B 192 9.67 21.64 -4.67
CA THR B 192 9.68 20.19 -4.47
C THR B 192 8.33 19.52 -4.22
N GLY B 193 7.25 20.29 -4.19
CA GLY B 193 5.96 19.68 -3.89
C GLY B 193 4.90 19.53 -4.97
N ASP B 194 5.29 19.58 -6.24
CA ASP B 194 4.31 19.46 -7.32
C ASP B 194 3.58 18.12 -7.37
N ASN B 195 4.26 17.05 -6.97
CA ASN B 195 3.66 15.71 -7.01
C ASN B 195 3.14 15.21 -5.68
N SER B 196 3.12 16.07 -4.67
CA SER B 196 2.63 15.68 -3.36
C SER B 196 1.20 16.18 -3.10
N ILE B 197 1.01 16.91 -2.01
CA ILE B 197 -0.33 17.42 -1.69
C ILE B 197 -0.93 18.21 -2.86
N LYS B 198 -0.12 19.08 -3.45
CA LYS B 198 -0.59 19.91 -4.57
C LYS B 198 -1.23 19.08 -5.68
N ALA B 199 -0.72 17.87 -5.90
CA ALA B 199 -1.22 16.99 -6.94
C ALA B 199 -2.61 16.41 -6.68
N GLY B 200 -3.04 16.39 -5.43
CA GLY B 200 -4.35 15.86 -5.11
C GLY B 200 -5.41 16.92 -4.92
N LEU B 201 -5.07 18.16 -5.25
CA LEU B 201 -5.99 19.28 -5.08
C LEU B 201 -6.32 19.94 -6.41
N PRO B 202 -7.41 20.73 -6.45
CA PRO B 202 -7.79 21.43 -7.69
C PRO B 202 -6.64 22.31 -8.17
N LYS B 203 -6.46 22.40 -9.47
CA LYS B 203 -5.38 23.20 -10.05
C LYS B 203 -5.40 24.69 -9.72
N HIS B 204 -6.60 25.24 -9.54
CA HIS B 204 -6.72 26.67 -9.24
C HIS B 204 -6.54 27.04 -7.76
N TRP B 205 -6.27 26.05 -6.93
CA TRP B 205 -6.05 26.31 -5.50
C TRP B 205 -4.59 26.70 -5.29
N VAL B 206 -4.35 27.68 -4.43
CA VAL B 206 -3.00 28.13 -4.13
C VAL B 206 -2.42 27.30 -2.98
N VAL B 207 -1.22 26.76 -3.17
CA VAL B 207 -0.60 25.93 -2.16
C VAL B 207 0.82 26.33 -1.76
N GLY B 208 1.06 26.35 -0.45
CA GLY B 208 2.38 26.64 0.08
C GLY B 208 2.71 25.40 0.89
N ASP B 209 3.78 24.70 0.54
CA ASP B 209 4.12 23.46 1.24
C ASP B 209 5.61 23.21 1.44
N LYS B 210 5.89 22.20 2.25
CA LYS B 210 7.25 21.75 2.52
C LYS B 210 7.19 20.24 2.59
N THR B 211 7.92 19.59 1.69
CA THR B 211 7.96 18.13 1.63
C THR B 211 9.04 17.56 2.53
N GLY B 212 8.98 16.25 2.74
CA GLY B 212 9.97 15.57 3.54
C GLY B 212 10.21 14.19 2.97
N SER B 213 11.46 13.73 2.99
CA SER B 213 11.84 12.42 2.48
C SER B 213 12.89 11.86 3.42
N GLY B 214 12.73 10.61 3.85
CA GLY B 214 13.71 10.02 4.74
C GLY B 214 13.85 8.52 4.53
N ASP B 215 14.59 7.85 5.41
CA ASP B 215 14.76 6.42 5.30
C ASP B 215 13.40 5.73 5.50
N TYR B 216 13.33 4.45 5.18
CA TYR B 216 12.10 3.68 5.30
C TYR B 216 11.01 4.23 4.38
N GLY B 217 11.42 4.76 3.23
CA GLY B 217 10.48 5.30 2.27
C GLY B 217 9.57 6.33 2.88
N THR B 218 10.09 7.07 3.85
CA THR B 218 9.31 8.10 4.52
C THR B 218 9.03 9.23 3.53
N THR B 219 7.74 9.46 3.28
CA THR B 219 7.29 10.47 2.34
C THR B 219 6.30 11.40 3.04
N ASN B 220 6.69 12.66 3.23
CA ASN B 220 5.84 13.63 3.92
C ASN B 220 5.58 14.94 3.16
N ASP B 221 4.60 15.69 3.66
CA ASP B 221 4.27 16.98 3.08
C ASP B 221 3.28 17.71 4.00
N ILE B 222 3.59 18.96 4.31
CA ILE B 222 2.71 19.77 5.15
C ILE B 222 2.43 21.02 4.32
N ALA B 223 1.19 21.48 4.34
CA ALA B 223 0.84 22.63 3.53
C ALA B 223 -0.29 23.51 4.04
N VAL B 224 -0.25 24.76 3.57
CA VAL B 224 -1.29 25.73 3.88
C VAL B 224 -1.96 25.87 2.51
N ILE B 225 -3.28 25.79 2.49
CA ILE B 225 -4.02 25.82 1.24
C ILE B 225 -5.04 26.95 1.16
N TRP B 226 -5.06 27.62 0.01
CA TRP B 226 -6.00 28.71 -0.23
C TRP B 226 -6.91 28.36 -1.38
N PRO B 227 -8.11 27.83 -1.07
CA PRO B 227 -9.04 27.48 -2.14
C PRO B 227 -9.70 28.75 -2.64
N GLU B 228 -10.42 28.64 -3.76
CA GLU B 228 -11.15 29.78 -4.27
C GLU B 228 -12.54 29.56 -3.67
N ASN B 229 -13.13 30.62 -3.14
CA ASN B 229 -14.46 30.54 -2.54
C ASN B 229 -14.58 29.61 -1.34
N HIS B 230 -13.59 29.66 -0.45
CA HIS B 230 -13.60 28.86 0.76
C HIS B 230 -12.43 29.27 1.63
N ALA B 231 -12.64 29.25 2.95
CA ALA B 231 -11.58 29.62 3.89
C ALA B 231 -10.38 28.70 3.69
N PRO B 232 -9.19 29.17 4.08
CA PRO B 232 -7.95 28.39 3.95
C PRO B 232 -7.99 27.07 4.73
N LEU B 233 -7.16 26.13 4.29
CA LEU B 233 -7.06 24.83 4.91
C LEU B 233 -5.61 24.57 5.27
N ILE B 234 -5.40 23.69 6.25
CA ILE B 234 -4.06 23.29 6.65
C ILE B 234 -4.09 21.77 6.54
N LEU B 235 -3.10 21.20 5.85
CA LEU B 235 -3.06 19.76 5.68
C LEU B 235 -1.67 19.18 5.90
N VAL B 236 -1.61 18.17 6.74
CA VAL B 236 -0.37 17.48 7.05
C VAL B 236 -0.56 16.01 6.70
N VAL B 237 0.37 15.47 5.91
CA VAL B 237 0.32 14.07 5.52
C VAL B 237 1.70 13.46 5.72
N TYR B 238 1.78 12.49 6.63
CA TYR B 238 3.02 11.80 6.92
C TYR B 238 2.84 10.33 6.52
N PHE B 239 3.86 9.76 5.90
CA PHE B 239 3.79 8.37 5.45
C PHE B 239 5.15 7.71 5.58
N THR B 240 5.18 6.50 6.13
CA THR B 240 6.43 5.77 6.30
C THR B 240 6.20 4.27 6.09
N GLN B 241 7.26 3.53 5.78
CA GLN B 241 7.13 2.11 5.48
C GLN B 241 7.99 1.15 6.30
N GLN B 242 7.74 -0.14 6.13
CA GLN B 242 8.46 -1.17 6.87
C GLN B 242 9.90 -1.44 6.42
N GLU B 243 10.14 -1.41 5.12
CA GLU B 243 11.48 -1.67 4.58
C GLU B 243 12.36 -0.44 4.55
N GLN B 244 13.57 -0.59 5.07
CA GLN B 244 14.55 0.49 5.10
C GLN B 244 14.73 1.15 3.73
N ASN B 245 14.85 0.33 2.70
CA ASN B 245 15.08 0.82 1.35
C ASN B 245 13.81 1.00 0.51
N ALA B 246 12.67 1.10 1.17
CA ALA B 246 11.40 1.28 0.47
C ALA B 246 11.43 2.52 -0.43
N LYS B 247 10.69 2.46 -1.53
CA LYS B 247 10.63 3.58 -2.46
C LYS B 247 9.64 4.61 -1.94
N TYR B 248 9.84 5.87 -2.33
CA TYR B 248 8.95 6.95 -1.89
C TYR B 248 7.58 6.81 -2.54
N ARG B 249 6.55 7.21 -1.82
CA ARG B 249 5.19 7.10 -2.31
C ARG B 249 4.42 8.41 -2.27
N LYS B 250 4.79 9.33 -3.17
CA LYS B 250 4.10 10.62 -3.22
C LYS B 250 2.66 10.43 -3.68
N ASP B 251 2.41 9.34 -4.41
CA ASP B 251 1.06 9.05 -4.89
C ASP B 251 0.12 8.89 -3.71
N ILE B 252 0.61 8.29 -2.63
CA ILE B 252 -0.19 8.09 -1.44
C ILE B 252 -0.54 9.44 -0.81
N ILE B 253 0.41 10.37 -0.81
CA ILE B 253 0.15 11.69 -0.24
C ILE B 253 -0.89 12.41 -1.08
N ALA B 254 -0.73 12.35 -2.40
CA ALA B 254 -1.66 13.01 -3.31
C ALA B 254 -3.08 12.45 -3.15
N LYS B 255 -3.19 11.14 -3.00
CA LYS B 255 -4.50 10.51 -2.84
C LYS B 255 -5.13 10.86 -1.49
N ALA B 256 -4.31 10.96 -0.44
CA ALA B 256 -4.83 11.30 0.88
C ALA B 256 -5.39 12.71 0.84
N ALA B 257 -4.67 13.61 0.17
CA ALA B 257 -5.09 15.00 0.06
C ALA B 257 -6.45 15.07 -0.65
N GLU B 258 -6.58 14.32 -1.74
CA GLU B 258 -7.82 14.30 -2.51
C GLU B 258 -8.98 13.79 -1.67
N ILE B 259 -8.75 12.72 -0.92
CA ILE B 259 -9.78 12.14 -0.07
C ILE B 259 -10.31 13.09 1.01
N VAL B 260 -9.41 13.72 1.77
CA VAL B 260 -9.84 14.61 2.84
C VAL B 260 -10.39 15.97 2.42
N THR B 261 -10.14 16.39 1.19
CA THR B 261 -10.64 17.67 0.71
C THR B 261 -11.74 17.53 -0.33
N LYS B 262 -12.11 16.30 -0.65
CA LYS B 262 -13.14 16.04 -1.66
C LYS B 262 -14.42 16.84 -1.46
N GLU B 263 -14.99 16.80 -0.25
CA GLU B 263 -16.21 17.53 0.02
C GLU B 263 -16.05 19.02 -0.21
N ILE B 264 -14.90 19.55 0.19
CA ILE B 264 -14.61 20.97 0.01
C ILE B 264 -14.25 21.23 -1.45
N SER B 265 -13.73 20.21 -2.11
CA SER B 265 -13.32 20.30 -3.50
C SER B 265 -14.47 20.70 -4.42
N ASN B 266 -15.71 20.55 -3.95
CA ASN B 266 -16.87 20.90 -4.75
C ASN B 266 -18.13 21.11 -3.90
N SER B 267 -18.01 21.91 -2.85
CA SER B 267 -19.14 22.21 -1.97
C SER B 267 -19.82 23.50 -2.41
#